data_3LA2
#
_entry.id   3LA2
#
_cell.length_a   68.140
_cell.length_b   70.260
_cell.length_c   149.990
_cell.angle_alpha   90.00
_cell.angle_beta   90.00
_cell.angle_gamma   90.00
#
_symmetry.space_group_name_H-M   'P 21 21 21'
#
loop_
_entity.id
_entity.type
_entity.pdbx_description
1 polymer 'Global nitrogen regulator'
2 non-polymer '2-OXOGLUTARIC ACID'
3 water water
#
_entity_poly.entity_id   1
_entity_poly.type   'polypeptide(L)'
_entity_poly.pdbx_seq_one_letter_code
;MGSSHHHHHHSSGLVPRGSHMIVTQDKALANVFRQMATGAFPPVVETFERNKTIFFPGDPAERVYFLLKGAVKLSRVYEA
GEEITVALLRENSVFGVLSLLTGNKSDRFYHAVAFTPVELLSAPIEQVEQALKENPELSMLMLRGLSSRILQTEMMIETL
AHRDMGSRLVSFLLILCRDFGVPCADGITIDLKLSHQAIAEAIGSTRVTVTRLLGDLREKKMISIHKKKITVHKPVTLSR
QFT
;
_entity_poly.pdbx_strand_id   A,B
#
loop_
_chem_comp.id
_chem_comp.type
_chem_comp.name
_chem_comp.formula
AKG non-polymer '2-OXOGLUTARIC ACID' 'C5 H6 O5'
#
# COMPACT_ATOMS: atom_id res chain seq x y z
N VAL A 45 12.61 19.48 -16.92
CA VAL A 45 12.23 19.59 -15.47
C VAL A 45 11.02 20.48 -15.31
N GLU A 46 9.92 19.92 -14.82
CA GLU A 46 8.71 20.71 -14.63
C GLU A 46 8.52 21.11 -13.20
N THR A 47 7.94 22.28 -12.99
CA THR A 47 7.63 22.72 -11.65
C THR A 47 6.11 22.86 -11.47
N PHE A 48 5.66 22.61 -10.24
CA PHE A 48 4.26 22.80 -9.94
C PHE A 48 4.17 23.63 -8.69
N GLU A 49 3.48 24.77 -8.76
CA GLU A 49 3.13 25.49 -7.55
C GLU A 49 2.46 24.55 -6.56
N ARG A 50 2.60 24.89 -5.28
CA ARG A 50 1.96 24.14 -4.20
C ARG A 50 0.46 24.07 -4.46
N ASN A 51 -0.13 22.90 -4.32
CA ASN A 51 -1.57 22.72 -4.55
C ASN A 51 -1.98 22.67 -6.04
N LYS A 52 -1.02 22.76 -6.94
CA LYS A 52 -1.34 22.52 -8.35
C LYS A 52 -1.54 21.02 -8.66
N THR A 53 -2.48 20.71 -9.56
CA THR A 53 -2.75 19.30 -9.90
C THR A 53 -1.80 18.76 -10.97
N ILE A 54 -1.25 17.58 -10.74
CA ILE A 54 -0.37 16.98 -11.75
C ILE A 54 -1.18 16.09 -12.69
N PHE A 55 -2.14 15.37 -12.17
CA PHE A 55 -3.13 14.73 -13.03
C PHE A 55 -4.45 14.53 -12.29
N PHE A 56 -5.53 14.55 -13.05
CA PHE A 56 -6.88 14.41 -12.49
C PHE A 56 -7.43 13.01 -12.74
N PRO A 57 -8.26 12.50 -11.81
CA PRO A 57 -8.93 11.24 -12.18
C PRO A 57 -9.68 11.51 -13.45
N GLY A 58 -9.58 10.62 -14.45
CA GLY A 58 -10.27 10.77 -15.72
C GLY A 58 -9.29 11.05 -16.86
N ASP A 59 -8.05 11.40 -16.51
CA ASP A 59 -7.04 11.76 -17.51
C ASP A 59 -6.39 10.50 -18.02
N PRO A 60 -6.19 10.40 -19.33
CA PRO A 60 -5.52 9.21 -19.82
C PRO A 60 -4.21 9.01 -19.09
N ALA A 61 -3.87 7.78 -18.75
CA ALA A 61 -2.63 7.43 -18.07
C ALA A 61 -1.46 7.49 -19.04
N GLU A 62 -1.12 8.71 -19.41
CA GLU A 62 -0.24 9.01 -20.54
C GLU A 62 1.24 8.92 -20.19
N ARG A 63 1.60 9.26 -18.95
CA ARG A 63 3.01 9.43 -18.53
C ARG A 63 3.45 8.72 -17.26
N VAL A 64 4.76 8.52 -17.15
CA VAL A 64 5.36 8.09 -15.87
C VAL A 64 6.08 9.29 -15.29
N TYR A 65 6.18 9.36 -13.97
CA TYR A 65 6.77 10.55 -13.33
C TYR A 65 7.88 10.15 -12.38
N PHE A 66 8.83 11.07 -12.22
CA PHE A 66 9.89 10.93 -11.23
C PHE A 66 9.96 12.22 -10.40
N LEU A 67 9.85 12.09 -9.08
CA LEU A 67 9.80 13.25 -8.21
C LEU A 67 11.19 13.67 -7.75
N LEU A 68 11.68 14.79 -8.28
CA LEU A 68 12.99 15.31 -7.87
C LEU A 68 12.92 16.06 -6.55
N LYS A 69 11.98 16.99 -6.42
CA LYS A 69 11.92 17.85 -5.22
C LYS A 69 10.47 18.11 -4.81
N GLY A 70 10.22 18.20 -3.50
CA GLY A 70 8.85 18.41 -2.98
C GLY A 70 8.11 17.13 -2.59
N ALA A 71 6.85 17.27 -2.20
CA ALA A 71 6.00 16.11 -1.87
C ALA A 71 4.80 16.05 -2.81
N VAL A 72 4.43 14.85 -3.25
CA VAL A 72 3.25 14.70 -4.09
C VAL A 72 2.22 13.88 -3.34
N LYS A 73 0.97 14.36 -3.32
CA LYS A 73 -0.11 13.66 -2.68
C LYS A 73 -0.96 12.95 -3.75
N LEU A 74 -1.13 11.63 -3.57
CA LEU A 74 -2.08 10.84 -4.36
C LEU A 74 -3.32 10.66 -3.51
N SER A 75 -4.49 10.84 -4.08
CA SER A 75 -5.72 10.67 -3.31
C SER A 75 -6.86 10.10 -4.18
N ARG A 76 -7.91 9.62 -3.53
CA ARG A 76 -9.12 9.20 -4.25
C ARG A 76 -10.14 10.30 -4.02
N VAL A 77 -10.89 10.70 -5.06
CA VAL A 77 -11.80 11.83 -4.91
C VAL A 77 -13.25 11.38 -4.98
N TYR A 78 -14.12 11.97 -4.16
CA TYR A 78 -15.53 11.57 -4.22
C TYR A 78 -16.48 12.61 -4.79
N GLU A 79 -17.67 12.14 -5.14
CA GLU A 79 -18.62 13.00 -5.81
C GLU A 79 -18.72 14.38 -5.20
N ALA A 80 -18.60 14.47 -3.88
CA ALA A 80 -18.84 15.77 -3.21
C ALA A 80 -17.55 16.58 -3.01
N GLY A 81 -16.43 16.04 -3.45
CA GLY A 81 -15.20 16.79 -3.33
C GLY A 81 -14.32 16.37 -2.18
N GLU A 82 -14.83 15.52 -1.28
CA GLU A 82 -13.96 14.89 -0.26
C GLU A 82 -12.84 14.09 -0.93
N GLU A 83 -11.66 14.15 -0.34
CA GLU A 83 -10.54 13.39 -0.84
C GLU A 83 -9.92 12.52 0.25
N ILE A 84 -9.54 11.29 -0.09
CA ILE A 84 -8.81 10.43 0.82
C ILE A 84 -7.38 10.30 0.32
N THR A 85 -6.41 10.57 1.19
CA THR A 85 -5.03 10.41 0.81
C THR A 85 -4.61 8.97 0.74
N VAL A 86 -3.88 8.63 -0.30
CA VAL A 86 -3.54 7.25 -0.54
C VAL A 86 -2.01 7.13 -0.48
N ALA A 87 -1.31 8.23 -0.64
CA ALA A 87 0.16 8.23 -0.61
C ALA A 87 0.64 9.65 -0.53
N LEU A 88 1.70 9.82 0.23
CA LEU A 88 2.44 11.06 0.28
C LEU A 88 3.85 10.70 -0.20
N LEU A 89 4.17 11.09 -1.43
CA LEU A 89 5.38 10.62 -2.04
C LEU A 89 6.54 11.56 -1.74
N ARG A 90 7.70 10.99 -1.49
CA ARG A 90 8.87 11.71 -1.06
C ARG A 90 9.79 11.79 -2.25
N GLU A 91 10.83 12.60 -2.15
CA GLU A 91 11.70 12.93 -3.27
C GLU A 91 12.36 11.69 -3.82
N ASN A 92 12.56 11.65 -5.13
CA ASN A 92 13.14 10.46 -5.78
C ASN A 92 12.21 9.27 -5.91
N SER A 93 10.90 9.49 -5.99
CA SER A 93 9.97 8.40 -6.23
C SER A 93 9.49 8.43 -7.64
N VAL A 94 9.43 7.25 -8.26
CA VAL A 94 8.67 7.06 -9.49
C VAL A 94 7.18 7.01 -9.14
N PHE A 95 6.33 7.59 -9.98
CA PHE A 95 4.91 7.46 -9.76
C PHE A 95 4.12 7.62 -11.05
N GLY A 96 2.81 7.49 -11.00
CA GLY A 96 2.02 7.49 -12.21
C GLY A 96 2.03 6.12 -12.85
N VAL A 97 2.37 5.08 -12.05
CA VAL A 97 2.70 3.75 -12.59
C VAL A 97 1.56 3.04 -13.31
N LEU A 98 0.35 3.54 -13.20
CA LEU A 98 -0.73 2.92 -13.92
C LEU A 98 -0.49 2.95 -15.43
N SER A 99 0.33 3.89 -15.89
CA SER A 99 0.64 3.94 -17.31
C SER A 99 1.63 2.87 -17.69
N LEU A 100 2.38 2.37 -16.71
CA LEU A 100 3.26 1.27 -17.01
C LEU A 100 2.43 0.07 -17.36
N LEU A 101 1.20 0.00 -16.85
CA LEU A 101 0.32 -1.13 -17.19
C LEU A 101 -0.43 -0.92 -18.49
N THR A 102 -1.45 -0.06 -18.43
CA THR A 102 -2.37 0.22 -19.52
C THR A 102 -1.91 1.35 -20.46
N GLY A 103 -0.87 2.09 -20.09
CA GLY A 103 -0.48 3.26 -20.90
C GLY A 103 -1.70 4.15 -21.05
N ASN A 104 -1.72 4.96 -22.10
CA ASN A 104 -2.81 5.94 -22.27
C ASN A 104 -4.15 5.36 -22.69
N LYS A 105 -4.20 4.04 -22.83
CA LYS A 105 -5.45 3.34 -23.11
C LYS A 105 -6.38 3.28 -21.88
N SER A 106 -5.88 3.71 -20.73
CA SER A 106 -6.64 3.64 -19.50
C SER A 106 -6.66 5.04 -18.83
N ASP A 107 -7.59 5.28 -17.91
CA ASP A 107 -7.71 6.59 -17.25
C ASP A 107 -7.25 6.59 -15.79
N ARG A 108 -6.70 7.71 -15.33
CA ARG A 108 -6.37 7.84 -13.93
C ARG A 108 -7.63 7.69 -13.10
N PHE A 109 -7.52 7.09 -11.94
CA PHE A 109 -8.60 7.12 -10.97
C PHE A 109 -8.17 7.81 -9.66
N TYR A 110 -6.87 8.05 -9.47
CA TYR A 110 -6.42 8.89 -8.35
C TYR A 110 -6.06 10.32 -8.82
N HIS A 111 -6.00 11.23 -7.85
CA HIS A 111 -5.68 12.63 -8.11
C HIS A 111 -4.25 12.80 -7.63
N ALA A 112 -3.39 13.39 -8.46
CA ALA A 112 -2.03 13.71 -8.02
C ALA A 112 -1.84 15.24 -7.86
N VAL A 113 -1.50 15.63 -6.64
CA VAL A 113 -1.33 17.04 -6.30
C VAL A 113 0.10 17.33 -5.77
N ALA A 114 0.64 18.47 -6.20
CA ALA A 114 1.87 19.02 -5.62
C ALA A 114 1.60 19.39 -4.16
N PHE A 115 2.03 18.57 -3.21
CA PHE A 115 1.67 18.83 -1.82
C PHE A 115 2.50 20.00 -1.28
N THR A 116 3.64 20.25 -1.93
CA THR A 116 4.49 21.37 -1.66
C THR A 116 4.90 21.85 -3.04
N PRO A 117 5.63 22.97 -3.14
CA PRO A 117 6.09 23.25 -4.50
C PRO A 117 6.84 22.02 -4.95
N VAL A 118 6.64 21.58 -6.20
CA VAL A 118 7.27 20.37 -6.72
C VAL A 118 8.12 20.63 -7.97
N GLU A 119 9.17 19.82 -8.12
CA GLU A 119 9.93 19.74 -9.37
C GLU A 119 9.96 18.27 -9.80
N LEU A 120 9.71 17.98 -11.08
CA LEU A 120 9.61 16.58 -11.51
C LEU A 120 9.92 16.36 -12.99
N LEU A 121 10.24 15.11 -13.33
CA LEU A 121 10.45 14.67 -14.70
C LEU A 121 9.30 13.76 -15.09
N SER A 122 9.04 13.62 -16.38
CA SER A 122 7.90 12.84 -16.82
C SER A 122 8.11 12.53 -18.27
N ALA A 123 7.50 11.44 -18.75
CA ALA A 123 7.74 11.02 -20.14
C ALA A 123 6.65 10.10 -20.59
N PRO A 124 6.12 10.30 -21.81
CA PRO A 124 5.13 9.37 -22.32
C PRO A 124 5.67 7.95 -22.18
N ILE A 125 4.77 6.98 -22.09
CA ILE A 125 5.19 5.60 -21.85
C ILE A 125 6.13 5.04 -22.93
N GLU A 126 5.79 5.20 -24.20
CA GLU A 126 6.68 4.71 -25.27
C GLU A 126 8.07 5.37 -25.24
N GLN A 127 8.13 6.64 -24.86
CA GLN A 127 9.41 7.25 -24.58
C GLN A 127 10.14 6.47 -23.47
N VAL A 128 9.44 6.17 -22.37
CA VAL A 128 10.01 5.39 -21.28
C VAL A 128 10.36 3.98 -21.79
N GLU A 129 9.37 3.35 -22.42
CA GLU A 129 9.49 1.99 -22.87
C GLU A 129 10.67 1.83 -23.84
N GLN A 130 10.87 2.83 -24.69
CA GLN A 130 12.05 2.93 -25.53
C GLN A 130 13.31 2.96 -24.68
N ALA A 131 13.41 3.99 -23.84
CA ALA A 131 14.58 4.20 -22.97
C ALA A 131 14.96 2.94 -22.21
N LEU A 132 13.95 2.18 -21.78
CA LEU A 132 14.21 0.92 -21.11
C LEU A 132 14.67 -0.16 -22.09
N LYS A 133 13.80 -0.53 -23.03
CA LYS A 133 14.13 -1.56 -24.01
C LYS A 133 15.51 -1.28 -24.62
N GLU A 134 15.98 -0.05 -24.45
CA GLU A 134 17.27 0.39 -24.94
C GLU A 134 18.36 0.27 -23.89
N ASN A 135 18.17 0.95 -22.76
CA ASN A 135 19.13 0.91 -21.65
C ASN A 135 18.70 -0.10 -20.57
N PRO A 136 19.27 -1.31 -20.62
CA PRO A 136 18.91 -2.41 -19.72
C PRO A 136 19.07 -2.01 -18.27
N GLU A 137 20.24 -1.48 -17.93
CA GLU A 137 20.49 -1.08 -16.55
C GLU A 137 19.34 -0.23 -15.98
N LEU A 138 19.09 0.92 -16.60
CA LEU A 138 18.00 1.80 -16.17
C LEU A 138 16.83 1.02 -15.56
N SER A 139 16.44 -0.09 -16.19
CA SER A 139 15.29 -0.87 -15.74
C SER A 139 15.54 -1.52 -14.39
N MET A 140 16.76 -1.99 -14.16
CA MET A 140 17.09 -2.51 -12.84
C MET A 140 16.83 -1.46 -11.78
N LEU A 141 17.02 -0.19 -12.15
CA LEU A 141 16.85 0.89 -11.19
C LEU A 141 15.39 1.28 -10.99
N MET A 142 14.59 1.09 -12.02
CA MET A 142 13.15 1.34 -11.88
C MET A 142 12.49 0.17 -11.19
N LEU A 143 13.08 -1.01 -11.33
CA LEU A 143 12.58 -2.15 -10.58
C LEU A 143 12.82 -1.89 -9.09
N ARG A 144 13.96 -1.31 -8.78
CA ARG A 144 14.27 -1.00 -7.40
C ARG A 144 13.30 0.06 -6.92
N GLY A 145 13.09 1.08 -7.75
CA GLY A 145 12.25 2.21 -7.37
C GLY A 145 10.84 1.76 -7.06
N LEU A 146 10.28 0.94 -7.95
CA LEU A 146 8.97 0.35 -7.73
C LEU A 146 8.92 -0.53 -6.46
N SER A 147 9.99 -1.26 -6.18
CA SER A 147 10.06 -2.11 -5.00
C SER A 147 9.95 -1.26 -3.76
N SER A 148 10.52 -0.07 -3.86
CA SER A 148 10.50 0.88 -2.74
C SER A 148 9.10 1.42 -2.55
N ARG A 149 8.45 1.75 -3.65
CA ARG A 149 7.07 2.22 -3.58
C ARG A 149 6.24 1.21 -2.80
N ILE A 150 6.46 -0.07 -3.06
CA ILE A 150 5.59 -1.11 -2.51
C ILE A 150 5.83 -1.20 -1.01
N LEU A 151 7.11 -1.24 -0.62
CA LEU A 151 7.44 -1.31 0.79
C LEU A 151 6.92 -0.06 1.51
N GLN A 152 6.89 1.09 0.86
CA GLN A 152 6.36 2.28 1.50
C GLN A 152 4.85 2.20 1.72
N THR A 153 4.11 1.90 0.67
CA THR A 153 2.68 1.66 0.87
C THR A 153 2.35 0.67 1.99
N GLU A 154 3.09 -0.43 2.08
CA GLU A 154 2.82 -1.42 3.13
C GLU A 154 3.02 -0.85 4.54
N MET A 155 3.99 0.05 4.69
CA MET A 155 4.17 0.81 5.94
C MET A 155 2.93 1.65 6.27
N MET A 156 2.29 2.24 5.25
CA MET A 156 1.03 2.95 5.53
C MET A 156 -0.10 2.02 5.93
N ILE A 157 -0.21 0.85 5.26
CA ILE A 157 -1.09 -0.20 5.72
C ILE A 157 -0.88 -0.41 7.23
N GLU A 158 0.37 -0.56 7.65
CA GLU A 158 0.65 -0.78 9.07
C GLU A 158 0.16 0.36 9.91
N THR A 159 0.33 1.57 9.42
CA THR A 159 -0.11 2.74 10.20
C THR A 159 -1.61 2.70 10.39
N LEU A 160 -2.32 2.41 9.28
CA LEU A 160 -3.77 2.43 9.23
C LEU A 160 -4.40 1.28 10.00
N ALA A 161 -3.63 0.24 10.28
CA ALA A 161 -4.18 -0.97 10.91
C ALA A 161 -4.45 -0.80 12.37
N HIS A 162 -3.71 0.10 13.01
CA HIS A 162 -3.94 0.43 14.42
C HIS A 162 -5.38 0.82 14.69
N ARG A 163 -5.95 0.20 15.70
CA ARG A 163 -7.32 0.50 16.11
C ARG A 163 -7.50 1.86 16.74
N ASP A 164 -6.56 2.34 17.52
CA ASP A 164 -6.80 3.62 18.14
C ASP A 164 -6.10 4.75 17.37
N MET A 165 -6.81 5.84 17.13
CA MET A 165 -6.32 6.92 16.26
C MET A 165 -5.03 7.54 16.77
N GLY A 166 -4.85 7.60 18.07
CA GLY A 166 -3.62 8.12 18.67
C GLY A 166 -2.37 7.48 18.11
N SER A 167 -2.39 6.15 17.99
CA SER A 167 -1.23 5.39 17.52
C SER A 167 -1.18 5.48 16.04
N ARG A 168 -2.35 5.59 15.45
CA ARG A 168 -2.36 5.73 14.04
C ARG A 168 -1.61 7.03 13.73
N LEU A 169 -1.83 8.08 14.52
CA LEU A 169 -1.21 9.38 14.28
C LEU A 169 0.30 9.37 14.52
N VAL A 170 0.72 8.87 15.68
CA VAL A 170 2.13 8.82 15.96
C VAL A 170 2.87 8.06 14.87
N SER A 171 2.32 6.92 14.50
CA SER A 171 2.93 6.05 13.47
C SER A 171 3.04 6.75 12.14
N PHE A 172 1.99 7.44 11.74
CA PHE A 172 2.04 8.29 10.54
C PHE A 172 3.10 9.40 10.71
N LEU A 173 3.16 10.05 11.87
CA LEU A 173 4.19 11.08 12.05
C LEU A 173 5.60 10.50 12.01
N LEU A 174 5.79 9.31 12.58
CA LEU A 174 7.12 8.70 12.52
C LEU A 174 7.58 8.46 11.08
N ILE A 175 6.69 7.95 10.23
CA ILE A 175 7.01 7.81 8.80
C ILE A 175 7.42 9.13 8.14
N LEU A 176 6.62 10.18 8.34
CA LEU A 176 6.96 11.51 7.81
C LEU A 176 8.34 11.96 8.30
N CYS A 177 8.65 11.66 9.55
CA CYS A 177 9.97 11.97 10.04
C CYS A 177 11.01 11.37 9.11
N ARG A 178 10.84 10.09 8.79
CA ARG A 178 11.78 9.37 7.97
C ARG A 178 11.75 9.96 6.54
N ASP A 179 10.57 10.14 5.97
CA ASP A 179 10.45 10.64 4.59
C ASP A 179 10.83 12.11 4.38
N PHE A 180 10.52 12.98 5.34
CA PHE A 180 10.78 14.38 5.13
C PHE A 180 11.38 15.05 6.35
N GLY A 181 12.01 14.29 7.22
CA GLY A 181 12.45 14.87 8.47
C GLY A 181 13.77 15.59 8.35
N VAL A 182 13.94 16.62 9.16
CA VAL A 182 15.21 17.33 9.22
C VAL A 182 15.73 17.31 10.66
N PRO A 183 16.97 16.85 10.84
CA PRO A 183 17.59 16.73 12.16
C PRO A 183 17.52 18.03 12.94
N CYS A 184 17.40 17.92 14.26
CA CYS A 184 17.09 19.06 15.12
C CYS A 184 17.57 18.83 16.55
N ALA A 185 17.86 19.91 17.28
CA ALA A 185 18.29 19.76 18.68
C ALA A 185 17.20 18.99 19.48
N ASP A 186 15.94 19.32 19.20
CA ASP A 186 14.80 18.66 19.84
C ASP A 186 14.69 17.18 19.44
N GLY A 187 14.56 16.95 18.14
CA GLY A 187 14.48 15.60 17.56
C GLY A 187 14.39 15.77 16.06
N ILE A 188 13.19 15.64 15.50
CA ILE A 188 13.06 15.74 14.05
C ILE A 188 11.91 16.65 13.60
N THR A 189 12.22 17.59 12.73
CA THR A 189 11.15 18.43 12.22
C THR A 189 10.69 17.87 10.90
N ILE A 190 9.39 17.66 10.79
CA ILE A 190 8.81 17.22 9.55
C ILE A 190 8.69 18.43 8.61
N ASP A 191 9.59 18.50 7.65
CA ASP A 191 9.69 19.66 6.79
C ASP A 191 8.56 19.73 5.79
N LEU A 192 7.32 19.73 6.26
CA LEU A 192 6.16 19.88 5.39
C LEU A 192 5.21 20.76 6.16
N LYS A 193 4.36 21.50 5.46
CA LYS A 193 3.30 22.20 6.14
C LYS A 193 2.14 21.25 6.23
N LEU A 194 1.75 20.87 7.44
CA LEU A 194 0.69 19.86 7.59
C LEU A 194 -0.52 20.44 8.24
N SER A 195 -1.57 20.72 7.49
CA SER A 195 -2.81 21.13 8.17
C SER A 195 -3.45 19.93 8.91
N HIS A 196 -4.31 20.21 9.88
CA HIS A 196 -5.04 19.19 10.58
C HIS A 196 -5.94 18.44 9.60
N GLN A 197 -6.51 19.19 8.66
CA GLN A 197 -7.29 18.58 7.59
C GLN A 197 -6.44 17.58 6.78
N ALA A 198 -5.25 18.00 6.35
CA ALA A 198 -4.39 17.17 5.51
C ALA A 198 -4.04 15.87 6.24
N ILE A 199 -3.75 15.97 7.55
CA ILE A 199 -3.46 14.80 8.36
C ILE A 199 -4.70 13.88 8.49
N ALA A 200 -5.86 14.47 8.73
CA ALA A 200 -7.10 13.71 8.83
C ALA A 200 -7.33 12.88 7.56
N GLU A 201 -7.05 13.47 6.39
CA GLU A 201 -7.34 12.82 5.12
C GLU A 201 -6.40 11.66 4.90
N ALA A 202 -5.32 11.64 5.65
CA ALA A 202 -4.29 10.63 5.48
C ALA A 202 -4.36 9.49 6.52
N ILE A 203 -4.82 9.75 7.73
CA ILE A 203 -4.92 8.68 8.72
C ILE A 203 -6.37 8.22 8.98
N GLY A 204 -7.31 8.66 8.17
CA GLY A 204 -8.65 8.09 8.20
C GLY A 204 -9.55 8.67 9.24
N SER A 205 -9.29 9.90 9.66
CA SER A 205 -9.98 10.49 10.79
C SER A 205 -10.67 11.79 10.42
N THR A 206 -11.53 12.32 11.29
CA THR A 206 -12.04 13.68 11.12
C THR A 206 -10.97 14.70 11.54
N ARG A 207 -11.20 15.97 11.23
CA ARG A 207 -10.27 17.03 11.61
C ARG A 207 -10.37 17.32 13.11
N VAL A 208 -11.58 17.28 13.63
CA VAL A 208 -11.78 17.56 15.04
C VAL A 208 -10.95 16.62 15.90
N THR A 209 -11.03 15.33 15.59
CA THR A 209 -10.19 14.33 16.19
C THR A 209 -8.70 14.63 16.07
N VAL A 210 -8.23 14.98 14.87
CA VAL A 210 -6.81 15.33 14.71
C VAL A 210 -6.42 16.49 15.63
N THR A 211 -7.27 17.51 15.67
CA THR A 211 -6.97 18.67 16.48
C THR A 211 -6.76 18.22 17.92
N ARG A 212 -7.67 17.41 18.44
CA ARG A 212 -7.66 16.99 19.83
C ARG A 212 -6.42 16.15 20.12
N LEU A 213 -6.11 15.23 19.21
CA LEU A 213 -4.97 14.36 19.36
C LEU A 213 -3.69 15.19 19.35
N LEU A 214 -3.60 16.12 18.39
CA LEU A 214 -2.42 16.96 18.30
C LEU A 214 -2.23 17.79 19.59
N GLY A 215 -3.34 18.25 20.16
CA GLY A 215 -3.24 19.07 21.35
C GLY A 215 -2.77 18.20 22.50
N ASP A 216 -3.15 16.92 22.44
CA ASP A 216 -2.81 16.03 23.52
C ASP A 216 -1.31 15.74 23.43
N LEU A 217 -0.83 15.45 22.22
CA LEU A 217 0.61 15.25 22.01
C LEU A 217 1.46 16.46 22.45
N ARG A 218 0.96 17.69 22.36
CA ARG A 218 1.78 18.83 22.81
C ARG A 218 1.69 18.96 24.30
N GLU A 219 0.49 19.00 24.84
CA GLU A 219 0.33 18.95 26.28
C GLU A 219 1.37 17.98 26.83
N LYS A 220 1.53 16.79 26.24
CA LYS A 220 2.52 15.84 26.75
C LYS A 220 3.95 16.08 26.23
N LYS A 221 4.12 17.07 25.37
CA LYS A 221 5.46 17.49 24.94
C LYS A 221 6.24 16.45 24.10
N MET A 222 5.50 15.60 23.39
CA MET A 222 6.13 14.69 22.47
C MET A 222 6.29 15.37 21.11
N ILE A 223 5.55 16.47 20.89
CA ILE A 223 5.66 17.25 19.66
C ILE A 223 5.48 18.73 19.90
N SER A 224 6.04 19.55 19.01
CA SER A 224 5.72 20.96 18.93
C SER A 224 5.24 21.22 17.52
N ILE A 225 4.45 22.27 17.37
CA ILE A 225 4.01 22.67 16.05
C ILE A 225 4.24 24.14 15.92
N HIS A 226 4.86 24.56 14.82
CA HIS A 226 5.08 25.97 14.58
C HIS A 226 4.78 26.25 13.10
N LYS A 227 3.88 27.19 12.85
CA LYS A 227 3.44 27.47 11.49
C LYS A 227 3.31 26.18 10.70
N LYS A 228 2.61 25.22 11.29
CA LYS A 228 2.32 23.95 10.62
C LYS A 228 3.46 22.96 10.43
N LYS A 229 4.69 23.32 10.77
CA LYS A 229 5.78 22.35 10.77
C LYS A 229 5.79 21.64 12.11
N ILE A 230 5.60 20.33 12.08
CA ILE A 230 5.63 19.51 13.26
C ILE A 230 7.02 19.00 13.59
N THR A 231 7.43 19.14 14.83
CA THR A 231 8.66 18.57 15.28
C THR A 231 8.36 17.44 16.24
N VAL A 232 8.93 16.27 16.01
CA VAL A 232 8.71 15.12 16.88
C VAL A 232 9.93 15.01 17.78
N HIS A 233 9.70 15.05 19.09
CA HIS A 233 10.80 15.17 20.02
C HIS A 233 11.66 13.93 20.23
N LYS A 234 11.07 12.77 20.47
CA LYS A 234 11.92 11.60 20.68
C LYS A 234 11.58 10.43 19.78
N PRO A 235 11.77 10.62 18.47
CA PRO A 235 11.23 9.69 17.47
C PRO A 235 11.51 8.26 17.91
N VAL A 236 12.79 7.96 18.16
CA VAL A 236 13.23 6.61 18.49
C VAL A 236 12.45 6.00 19.64
N THR A 237 12.25 6.76 20.71
CA THR A 237 11.49 6.25 21.84
C THR A 237 10.00 6.06 21.51
N LEU A 238 9.49 6.86 20.58
CA LEU A 238 8.09 6.70 20.20
C LEU A 238 7.81 5.40 19.43
N SER A 239 8.83 4.83 18.78
CA SER A 239 8.69 3.53 18.14
C SER A 239 8.68 2.43 19.21
N ARG A 240 7.79 2.57 20.20
CA ARG A 240 7.70 1.59 21.30
C ARG A 240 6.56 0.60 21.09
N VAL B 45 9.24 -25.71 -9.36
CA VAL B 45 7.98 -25.34 -8.64
C VAL B 45 8.04 -25.75 -7.16
N GLU B 46 7.87 -24.77 -6.27
CA GLU B 46 7.86 -25.05 -4.83
C GLU B 46 6.44 -25.04 -4.31
N THR B 47 6.07 -26.12 -3.64
CA THR B 47 4.76 -26.14 -3.02
C THR B 47 4.86 -25.99 -1.50
N PHE B 48 3.78 -25.43 -0.94
CA PHE B 48 3.70 -25.15 0.47
C PHE B 48 2.29 -25.49 0.93
N GLU B 49 2.22 -26.28 1.99
CA GLU B 49 0.94 -26.53 2.60
C GLU B 49 0.36 -25.24 3.19
N ARG B 50 -0.97 -25.22 3.33
CA ARG B 50 -1.67 -24.08 3.89
C ARG B 50 -1.10 -23.78 5.26
N ASN B 51 -0.78 -22.51 5.51
CA ASN B 51 -0.24 -22.09 6.80
C ASN B 51 1.25 -22.38 7.00
N LYS B 52 1.93 -22.94 6.00
CA LYS B 52 3.40 -23.02 6.06
C LYS B 52 4.06 -21.69 5.71
N THR B 53 5.21 -21.44 6.32
CA THR B 53 5.93 -20.20 6.11
C THR B 53 6.80 -20.27 4.86
N ILE B 54 6.76 -19.23 4.06
CA ILE B 54 7.60 -19.18 2.91
C ILE B 54 8.86 -18.45 3.29
N PHE B 55 8.74 -17.47 4.18
CA PHE B 55 9.91 -16.79 4.73
C PHE B 55 9.60 -16.03 6.02
N PHE B 56 10.56 -16.03 6.93
CA PHE B 56 10.34 -15.53 8.27
C PHE B 56 11.05 -14.19 8.43
N PRO B 57 10.58 -13.37 9.37
CA PRO B 57 11.33 -12.15 9.70
C PRO B 57 12.71 -12.54 10.16
N GLY B 58 13.74 -11.86 9.69
CA GLY B 58 15.10 -12.17 10.13
C GLY B 58 15.86 -12.85 9.02
N ASP B 59 15.12 -13.48 8.11
CA ASP B 59 15.73 -14.13 6.96
C ASP B 59 16.40 -13.15 6.00
N PRO B 60 17.48 -13.61 5.34
CA PRO B 60 18.16 -12.76 4.39
C PRO B 60 17.16 -12.54 3.28
N ALA B 61 17.12 -11.35 2.70
CA ALA B 61 16.21 -11.14 1.60
C ALA B 61 16.91 -11.44 0.28
N GLU B 62 17.14 -12.72 -0.02
CA GLU B 62 17.99 -13.05 -1.16
C GLU B 62 17.25 -13.46 -2.42
N ARG B 63 15.96 -13.80 -2.29
CA ARG B 63 15.19 -14.34 -3.38
C ARG B 63 13.99 -13.50 -3.79
N VAL B 64 13.66 -13.52 -5.08
CA VAL B 64 12.41 -12.94 -5.58
C VAL B 64 11.47 -14.12 -5.81
N TYR B 65 10.18 -13.92 -5.54
CA TYR B 65 9.17 -15.00 -5.67
C TYR B 65 8.10 -14.65 -6.71
N PHE B 66 7.58 -15.69 -7.36
CA PHE B 66 6.39 -15.55 -8.22
C PHE B 66 5.29 -16.57 -7.83
N LEU B 67 4.12 -16.04 -7.48
CA LEU B 67 2.98 -16.86 -7.06
C LEU B 67 2.20 -17.41 -8.26
N LEU B 68 2.19 -18.74 -8.38
CA LEU B 68 1.48 -19.46 -9.45
C LEU B 68 0.04 -19.85 -9.04
N LYS B 69 -0.10 -20.57 -7.93
CA LYS B 69 -1.45 -20.96 -7.47
C LYS B 69 -1.58 -20.66 -5.99
N GLY B 70 -2.77 -20.23 -5.55
CA GLY B 70 -3.05 -20.00 -4.13
C GLY B 70 -2.92 -18.54 -3.70
N ALA B 71 -3.03 -18.27 -2.40
CA ALA B 71 -2.89 -16.90 -1.87
C ALA B 71 -1.77 -16.85 -0.86
N VAL B 72 -0.98 -15.81 -0.88
CA VAL B 72 0.08 -15.67 0.11
C VAL B 72 -0.20 -14.47 1.04
N LYS B 73 -0.08 -14.69 2.35
CA LYS B 73 -0.28 -13.62 3.32
C LYS B 73 1.04 -13.01 3.78
N LEU B 74 1.16 -11.69 3.68
CA LEU B 74 2.31 -11.00 4.25
C LEU B 74 1.93 -10.26 5.52
N SER B 75 2.70 -10.45 6.58
CA SER B 75 2.34 -9.84 7.83
C SER B 75 3.52 -9.22 8.60
N ARG B 76 3.19 -8.35 9.54
CA ARG B 76 4.14 -7.89 10.52
C ARG B 76 3.87 -8.68 11.80
N VAL B 77 4.90 -9.29 12.35
CA VAL B 77 4.74 -10.01 13.60
C VAL B 77 5.17 -9.10 14.75
N TYR B 78 4.43 -9.12 15.88
CA TYR B 78 4.78 -8.23 16.98
C TYR B 78 5.40 -8.94 18.17
N GLU B 79 6.13 -8.15 18.96
CA GLU B 79 6.77 -8.63 20.18
C GLU B 79 5.95 -9.70 20.91
N ALA B 80 4.70 -9.36 21.26
CA ALA B 80 3.80 -10.31 21.92
C ALA B 80 3.75 -11.61 21.12
N GLY B 81 3.10 -11.55 19.96
CA GLY B 81 2.95 -12.71 19.08
C GLY B 81 1.80 -12.50 18.11
N GLU B 82 1.10 -11.37 18.25
CA GLU B 82 0.01 -11.04 17.36
C GLU B 82 0.57 -10.67 15.99
N GLU B 83 -0.26 -10.85 14.96
CA GLU B 83 0.17 -10.68 13.58
C GLU B 83 -0.81 -9.77 12.81
N ILE B 84 -0.29 -8.76 12.13
CA ILE B 84 -1.08 -7.81 11.34
C ILE B 84 -0.85 -8.10 9.88
N THR B 85 -1.92 -8.29 9.13
CA THR B 85 -1.81 -8.51 7.70
C THR B 85 -1.51 -7.26 6.86
N VAL B 86 -0.49 -7.34 6.03
CA VAL B 86 -0.11 -6.20 5.22
C VAL B 86 -0.50 -6.45 3.76
N ALA B 87 -0.67 -7.71 3.37
CA ALA B 87 -1.09 -8.04 1.99
C ALA B 87 -1.60 -9.48 1.86
N LEU B 88 -2.68 -9.62 1.09
CA LEU B 88 -3.06 -10.94 0.58
C LEU B 88 -2.80 -11.01 -0.90
N LEU B 89 -1.68 -11.62 -1.28
CA LEU B 89 -1.27 -11.65 -2.67
C LEU B 89 -2.09 -12.69 -3.43
N ARG B 90 -2.37 -12.41 -4.69
CA ARG B 90 -3.22 -13.27 -5.53
C ARG B 90 -2.34 -13.91 -6.59
N GLU B 91 -2.89 -14.87 -7.33
CA GLU B 91 -2.07 -15.65 -8.26
C GLU B 91 -1.38 -14.74 -9.26
N ASN B 92 -0.15 -15.06 -9.60
CA ASN B 92 0.61 -14.29 -10.56
C ASN B 92 1.17 -12.98 -10.04
N SER B 93 1.40 -12.87 -8.73
CA SER B 93 2.05 -11.70 -8.18
C SER B 93 3.52 -11.95 -7.92
N VAL B 94 4.35 -10.93 -8.18
CA VAL B 94 5.75 -10.95 -7.77
C VAL B 94 5.80 -10.51 -6.31
N PHE B 95 6.62 -11.15 -5.49
CA PHE B 95 6.77 -10.72 -4.10
C PHE B 95 8.15 -11.06 -3.48
N GLY B 96 8.40 -10.60 -2.26
CA GLY B 96 9.75 -10.68 -1.73
C GLY B 96 10.59 -9.54 -2.27
N VAL B 97 9.93 -8.47 -2.73
CA VAL B 97 10.66 -7.44 -3.45
C VAL B 97 11.68 -6.69 -2.63
N LEU B 98 11.72 -6.91 -1.32
CA LEU B 98 12.78 -6.32 -0.51
C LEU B 98 14.15 -6.72 -1.04
N SER B 99 14.23 -7.88 -1.69
CA SER B 99 15.51 -8.38 -2.14
C SER B 99 16.02 -7.64 -3.38
N LEU B 100 15.15 -6.94 -4.10
CA LEU B 100 15.60 -6.10 -5.23
C LEU B 100 16.11 -4.74 -4.75
N LEU B 101 16.07 -4.48 -3.45
CA LEU B 101 16.63 -3.25 -2.88
C LEU B 101 18.08 -3.46 -2.46
N THR B 102 18.25 -4.24 -1.38
CA THR B 102 19.56 -4.53 -0.81
C THR B 102 20.03 -5.94 -1.16
N GLY B 103 19.17 -6.94 -0.98
CA GLY B 103 19.57 -8.32 -1.19
C GLY B 103 19.86 -8.98 0.14
N ASN B 104 21.11 -9.40 0.33
CA ASN B 104 21.53 -10.03 1.59
C ASN B 104 21.62 -9.04 2.76
N LYS B 105 22.25 -7.90 2.51
CA LYS B 105 22.46 -6.87 3.52
C LYS B 105 21.16 -6.35 4.12
N SER B 106 20.12 -7.16 4.07
CA SER B 106 18.83 -6.70 4.56
C SER B 106 18.04 -7.91 4.98
N ASP B 107 17.43 -7.84 6.16
CA ASP B 107 16.71 -8.97 6.69
C ASP B 107 15.19 -8.81 6.55
N ARG B 108 14.51 -9.83 6.04
CA ARG B 108 13.07 -9.77 6.01
C ARG B 108 12.56 -9.23 7.34
N PHE B 109 11.63 -8.28 7.29
CA PHE B 109 10.89 -7.86 8.46
C PHE B 109 9.43 -8.36 8.44
N TYR B 110 8.94 -8.74 7.27
CA TYR B 110 7.60 -9.36 7.18
C TYR B 110 7.64 -10.89 7.21
N HIS B 111 6.48 -11.48 7.50
CA HIS B 111 6.30 -12.92 7.50
C HIS B 111 5.48 -13.31 6.29
N ALA B 112 6.03 -14.17 5.42
CA ALA B 112 5.28 -14.67 4.26
C ALA B 112 4.77 -16.11 4.51
N VAL B 113 3.44 -16.25 4.51
CA VAL B 113 2.79 -17.49 4.83
C VAL B 113 1.85 -17.87 3.69
N ALA B 114 1.77 -19.16 3.42
CA ALA B 114 0.84 -19.69 2.44
C ALA B 114 -0.55 -19.63 3.03
N PHE B 115 -1.38 -18.71 2.55
CA PHE B 115 -2.72 -18.56 3.11
C PHE B 115 -3.65 -19.70 2.69
N THR B 116 -3.27 -20.35 1.60
CA THR B 116 -3.97 -21.52 1.08
C THR B 116 -2.85 -22.42 0.60
N PRO B 117 -3.16 -23.66 0.20
CA PRO B 117 -2.04 -24.41 -0.37
C PRO B 117 -1.45 -23.56 -1.49
N VAL B 118 -0.13 -23.50 -1.61
CA VAL B 118 0.52 -22.58 -2.54
C VAL B 118 1.55 -23.28 -3.42
N GLU B 119 1.66 -22.78 -4.66
CA GLU B 119 2.76 -23.12 -5.54
C GLU B 119 3.40 -21.85 -6.09
N LEU B 120 4.73 -21.80 -6.12
CA LEU B 120 5.45 -20.59 -6.54
C LEU B 120 6.82 -20.95 -7.13
N LEU B 121 7.39 -20.00 -7.89
CA LEU B 121 8.79 -20.11 -8.32
C LEU B 121 9.56 -19.08 -7.52
N SER B 122 10.89 -19.17 -7.53
CA SER B 122 11.71 -18.25 -6.75
C SER B 122 13.09 -18.29 -7.36
N ALA B 123 13.92 -17.30 -7.07
CA ALA B 123 15.26 -17.28 -7.64
C ALA B 123 16.17 -16.35 -6.85
N PRO B 124 17.47 -16.69 -6.79
CA PRO B 124 18.41 -15.79 -6.13
C PRO B 124 18.39 -14.46 -6.86
N ILE B 125 18.49 -13.35 -6.12
CA ILE B 125 18.47 -12.01 -6.73
C ILE B 125 19.41 -11.85 -7.92
N GLU B 126 20.67 -12.24 -7.76
CA GLU B 126 21.66 -12.10 -8.83
C GLU B 126 21.33 -12.92 -10.08
N GLN B 127 20.50 -13.94 -9.94
CA GLN B 127 20.03 -14.62 -11.13
C GLN B 127 18.99 -13.77 -11.86
N VAL B 128 18.16 -13.07 -11.11
CA VAL B 128 17.17 -12.16 -11.68
C VAL B 128 17.84 -11.02 -12.44
N GLU B 129 18.78 -10.33 -11.79
CA GLU B 129 19.53 -9.27 -12.49
C GLU B 129 20.12 -9.79 -13.81
N GLN B 130 20.41 -11.09 -13.87
CA GLN B 130 21.01 -11.66 -15.06
C GLN B 130 20.00 -11.85 -16.20
N ALA B 131 18.92 -12.62 -15.95
CA ALA B 131 17.86 -12.79 -16.94
C ALA B 131 17.28 -11.44 -17.39
N LEU B 132 17.31 -10.45 -16.49
CA LEU B 132 16.95 -9.07 -16.85
C LEU B 132 17.84 -8.54 -17.96
N LYS B 133 19.15 -8.79 -17.86
CA LYS B 133 20.10 -8.47 -18.93
C LYS B 133 19.76 -9.23 -20.21
N GLU B 134 19.74 -10.56 -20.11
CA GLU B 134 19.40 -11.44 -21.24
C GLU B 134 18.16 -10.94 -21.97
N ASN B 135 17.03 -10.94 -21.27
CA ASN B 135 15.75 -10.61 -21.88
C ASN B 135 15.22 -9.25 -21.45
N PRO B 136 15.66 -8.18 -22.15
CA PRO B 136 15.25 -6.81 -21.80
C PRO B 136 13.74 -6.65 -21.86
N GLU B 137 13.06 -7.68 -22.37
CA GLU B 137 11.61 -7.71 -22.41
C GLU B 137 11.00 -8.16 -21.09
N LEU B 138 11.40 -9.35 -20.64
CA LEU B 138 11.05 -9.84 -19.31
C LEU B 138 11.10 -8.67 -18.32
N SER B 139 12.13 -7.85 -18.46
CA SER B 139 12.27 -6.67 -17.65
C SER B 139 10.94 -5.90 -17.55
N MET B 140 10.46 -5.39 -18.68
CA MET B 140 9.18 -4.69 -18.72
C MET B 140 8.07 -5.43 -17.96
N LEU B 141 8.00 -6.75 -18.10
CA LEU B 141 6.95 -7.52 -17.43
C LEU B 141 7.07 -7.52 -15.90
N MET B 142 8.28 -7.42 -15.39
CA MET B 142 8.48 -7.25 -13.95
C MET B 142 7.95 -5.87 -13.58
N LEU B 143 8.38 -4.87 -14.36
CA LEU B 143 7.98 -3.51 -14.12
C LEU B 143 6.47 -3.42 -13.97
N ARG B 144 5.78 -4.14 -14.85
CA ARG B 144 4.32 -4.07 -14.87
C ARG B 144 3.73 -4.78 -13.69
N GLY B 145 4.34 -5.89 -13.29
CA GLY B 145 3.82 -6.62 -12.14
C GLY B 145 4.03 -5.83 -10.87
N LEU B 146 5.20 -5.21 -10.77
CA LEU B 146 5.45 -4.37 -9.64
C LEU B 146 4.44 -3.20 -9.59
N SER B 147 4.08 -2.66 -10.78
CA SER B 147 3.14 -1.52 -10.85
C SER B 147 1.77 -1.93 -10.30
N SER B 148 1.39 -3.14 -10.65
CA SER B 148 0.13 -3.68 -10.24
C SER B 148 0.14 -3.94 -8.73
N ARG B 149 1.29 -4.34 -8.17
CA ARG B 149 1.38 -4.56 -6.73
C ARG B 149 1.10 -3.24 -6.03
N ILE B 150 1.76 -2.17 -6.50
CA ILE B 150 1.61 -0.84 -5.92
C ILE B 150 0.14 -0.49 -5.89
N LEU B 151 -0.51 -0.64 -7.04
CA LEU B 151 -1.93 -0.26 -7.12
C LEU B 151 -2.78 -1.10 -6.18
N GLN B 152 -2.48 -2.39 -6.11
CA GLN B 152 -3.20 -3.30 -5.19
C GLN B 152 -3.03 -2.89 -3.74
N THR B 153 -1.81 -2.55 -3.35
CA THR B 153 -1.62 -2.01 -2.01
C THR B 153 -2.38 -0.72 -1.74
N GLU B 154 -2.36 0.19 -2.71
CA GLU B 154 -3.05 1.48 -2.52
C GLU B 154 -4.54 1.25 -2.34
N MET B 155 -5.04 0.24 -3.03
CA MET B 155 -6.47 -0.04 -2.95
C MET B 155 -6.84 -0.55 -1.53
N MET B 156 -5.88 -1.18 -0.85
CA MET B 156 -6.04 -1.55 0.57
C MET B 156 -5.93 -0.39 1.58
N ILE B 157 -5.09 0.61 1.23
CA ILE B 157 -5.07 1.84 1.97
C ILE B 157 -6.48 2.40 1.97
N GLU B 158 -7.17 2.29 0.82
CA GLU B 158 -8.52 2.89 0.74
C GLU B 158 -9.48 2.14 1.63
N THR B 159 -9.28 0.83 1.73
CA THR B 159 -10.15 -0.02 2.51
C THR B 159 -9.98 0.37 3.96
N LEU B 160 -8.74 0.42 4.42
CA LEU B 160 -8.46 0.81 5.79
C LEU B 160 -8.87 2.25 6.08
N ALA B 161 -9.09 3.06 5.05
CA ALA B 161 -9.34 4.47 5.33
C ALA B 161 -10.74 4.70 5.82
N HIS B 162 -11.65 3.82 5.48
CA HIS B 162 -13.02 3.98 5.98
C HIS B 162 -13.08 4.05 7.50
N ARG B 163 -13.82 5.03 8.03
CA ARG B 163 -14.08 5.05 9.49
C ARG B 163 -15.10 4.01 9.95
N ASP B 164 -16.07 3.69 9.09
CA ASP B 164 -17.15 2.79 9.45
C ASP B 164 -16.64 1.36 9.23
N MET B 165 -16.46 0.63 10.32
CA MET B 165 -15.92 -0.71 10.23
C MET B 165 -16.74 -1.63 9.34
N GLY B 166 -18.05 -1.45 9.31
CA GLY B 166 -18.89 -2.14 8.36
C GLY B 166 -18.45 -1.90 6.91
N SER B 167 -18.30 -0.63 6.52
CA SER B 167 -17.84 -0.29 5.16
C SER B 167 -16.45 -0.80 4.86
N ARG B 168 -15.58 -0.74 5.84
CA ARG B 168 -14.26 -1.24 5.62
C ARG B 168 -14.33 -2.75 5.27
N LEU B 169 -15.28 -3.46 5.87
CA LEU B 169 -15.36 -4.90 5.64
C LEU B 169 -15.93 -5.22 4.26
N VAL B 170 -16.98 -4.49 3.91
CA VAL B 170 -17.58 -4.64 2.60
C VAL B 170 -16.57 -4.31 1.52
N SER B 171 -15.71 -3.37 1.81
CA SER B 171 -14.72 -2.95 0.83
C SER B 171 -13.62 -3.98 0.69
N PHE B 172 -13.22 -4.57 1.81
CA PHE B 172 -12.24 -5.69 1.82
C PHE B 172 -12.77 -6.93 1.07
N LEU B 173 -14.08 -7.16 1.16
CA LEU B 173 -14.64 -8.30 0.49
C LEU B 173 -14.70 -8.09 -1.02
N LEU B 174 -14.98 -6.84 -1.43
CA LEU B 174 -15.00 -6.53 -2.86
C LEU B 174 -13.62 -6.79 -3.46
N ILE B 175 -12.59 -6.35 -2.77
CA ILE B 175 -11.26 -6.67 -3.21
C ILE B 175 -11.10 -8.15 -3.41
N LEU B 176 -11.45 -8.92 -2.37
CA LEU B 176 -11.37 -10.37 -2.41
C LEU B 176 -12.21 -10.93 -3.54
N CYS B 177 -13.39 -10.35 -3.79
CA CYS B 177 -14.17 -10.78 -4.94
C CYS B 177 -13.40 -10.62 -6.25
N ARG B 178 -12.68 -9.53 -6.47
CA ARG B 178 -11.99 -9.47 -7.74
C ARG B 178 -10.69 -10.25 -7.72
N ASP B 179 -10.08 -10.37 -6.56
CA ASP B 179 -8.82 -11.10 -6.48
C ASP B 179 -8.97 -12.63 -6.47
N PHE B 180 -10.00 -13.14 -5.80
CA PHE B 180 -10.17 -14.58 -5.62
C PHE B 180 -11.58 -15.01 -5.98
N GLY B 181 -12.28 -14.17 -6.74
CA GLY B 181 -13.69 -14.35 -7.06
C GLY B 181 -13.92 -15.50 -8.02
N VAL B 182 -15.11 -16.08 -7.95
CA VAL B 182 -15.53 -17.16 -8.83
C VAL B 182 -17.03 -16.95 -9.07
N PRO B 183 -17.42 -16.80 -10.35
CA PRO B 183 -18.78 -16.40 -10.72
C PRO B 183 -19.81 -17.34 -10.12
N CYS B 184 -20.97 -16.79 -9.76
CA CYS B 184 -21.96 -17.59 -9.06
C CYS B 184 -23.40 -17.25 -9.42
N ALA B 185 -24.23 -18.28 -9.44
CA ALA B 185 -25.66 -18.09 -9.51
C ALA B 185 -26.08 -17.10 -8.41
N ASP B 186 -25.28 -17.02 -7.35
CA ASP B 186 -25.61 -16.17 -6.20
C ASP B 186 -24.84 -14.87 -6.22
N GLY B 187 -23.86 -14.78 -7.12
CA GLY B 187 -23.09 -13.55 -7.27
C GLY B 187 -21.63 -13.87 -7.51
N ILE B 188 -20.79 -13.55 -6.54
CA ILE B 188 -19.38 -13.88 -6.63
C ILE B 188 -18.88 -14.56 -5.35
N THR B 189 -18.32 -15.76 -5.49
CA THR B 189 -17.79 -16.50 -4.34
C THR B 189 -16.28 -16.25 -4.17
N ILE B 190 -15.91 -15.74 -3.01
CA ILE B 190 -14.52 -15.62 -2.65
C ILE B 190 -13.96 -17.01 -2.32
N ASP B 191 -13.02 -17.47 -3.12
CA ASP B 191 -12.59 -18.83 -3.01
C ASP B 191 -11.51 -19.05 -1.97
N LEU B 192 -11.84 -18.88 -0.69
CA LEU B 192 -10.81 -18.91 0.35
C LEU B 192 -11.48 -19.25 1.64
N LYS B 193 -10.91 -20.14 2.43
CA LYS B 193 -11.41 -20.28 3.80
C LYS B 193 -10.98 -19.03 4.53
N LEU B 194 -11.96 -18.25 5.01
CA LEU B 194 -11.70 -17.01 5.75
C LEU B 194 -12.17 -17.11 7.19
N SER B 195 -11.28 -17.26 8.15
CA SER B 195 -11.75 -17.20 9.53
C SER B 195 -11.96 -15.75 9.93
N HIS B 196 -12.84 -15.54 10.88
CA HIS B 196 -13.07 -14.19 11.40
C HIS B 196 -11.77 -13.56 11.93
N GLN B 197 -10.92 -14.39 12.50
CA GLN B 197 -9.64 -13.89 12.96
C GLN B 197 -8.81 -13.35 11.78
N ALA B 198 -8.73 -14.12 10.71
CA ALA B 198 -7.99 -13.67 9.51
C ALA B 198 -8.57 -12.35 8.96
N ILE B 199 -9.89 -12.21 8.96
CA ILE B 199 -10.46 -11.00 8.44
C ILE B 199 -10.04 -9.87 9.40
N ALA B 200 -10.11 -10.14 10.70
CA ALA B 200 -9.78 -9.13 11.67
C ALA B 200 -8.37 -8.62 11.44
N GLU B 201 -7.43 -9.52 11.14
CA GLU B 201 -6.02 -9.15 11.04
C GLU B 201 -5.76 -8.33 9.78
N ALA B 202 -6.66 -8.39 8.82
CA ALA B 202 -6.43 -7.67 7.56
C ALA B 202 -7.17 -6.34 7.51
N ILE B 203 -8.23 -6.18 8.30
CA ILE B 203 -8.96 -4.92 8.30
C ILE B 203 -8.84 -4.11 9.60
N GLY B 204 -7.85 -4.42 10.44
CA GLY B 204 -7.55 -3.64 11.63
C GLY B 204 -8.64 -3.73 12.65
N SER B 205 -9.31 -4.88 12.72
CA SER B 205 -10.41 -5.04 13.67
C SER B 205 -10.13 -6.15 14.68
N THR B 206 -11.16 -6.77 15.26
CA THR B 206 -10.98 -7.96 16.14
C THR B 206 -12.01 -9.04 15.79
N ARG B 207 -11.75 -10.26 16.22
CA ARG B 207 -12.63 -11.37 15.89
C ARG B 207 -14.07 -11.02 16.28
N VAL B 208 -14.24 -10.69 17.55
CA VAL B 208 -15.57 -10.39 18.01
C VAL B 208 -16.31 -9.41 17.08
N THR B 209 -15.69 -8.28 16.75
CA THR B 209 -16.32 -7.28 15.90
C THR B 209 -16.59 -7.83 14.52
N VAL B 210 -15.65 -8.60 13.99
CA VAL B 210 -15.87 -9.18 12.67
C VAL B 210 -17.09 -10.12 12.66
N THR B 211 -17.26 -10.87 13.74
CA THR B 211 -18.38 -11.78 13.81
C THR B 211 -19.68 -10.99 13.75
N ARG B 212 -19.78 -9.93 14.56
CA ARG B 212 -20.98 -9.09 14.53
C ARG B 212 -21.27 -8.48 13.15
N LEU B 213 -20.24 -7.95 12.51
CA LEU B 213 -20.41 -7.33 11.20
C LEU B 213 -20.85 -8.35 10.14
N LEU B 214 -20.23 -9.55 10.14
CA LEU B 214 -20.61 -10.57 9.15
C LEU B 214 -22.05 -10.97 9.33
N GLY B 215 -22.51 -11.00 10.57
CA GLY B 215 -23.89 -11.41 10.82
C GLY B 215 -24.87 -10.38 10.35
N ASP B 216 -24.53 -9.10 10.60
CA ASP B 216 -25.34 -7.98 10.12
C ASP B 216 -25.50 -8.12 8.63
N LEU B 217 -24.39 -8.38 7.95
CA LEU B 217 -24.43 -8.47 6.50
C LEU B 217 -25.27 -9.64 6.06
N ARG B 218 -25.17 -10.76 6.79
CA ARG B 218 -25.95 -11.95 6.49
C ARG B 218 -27.43 -11.71 6.76
N GLU B 219 -27.75 -10.97 7.82
CA GLU B 219 -29.16 -10.69 8.07
C GLU B 219 -29.75 -9.94 6.89
N LYS B 220 -29.02 -8.94 6.39
CA LYS B 220 -29.45 -8.19 5.23
C LYS B 220 -29.41 -9.04 3.96
N LYS B 221 -29.14 -10.34 4.12
CA LYS B 221 -29.05 -11.21 2.96
C LYS B 221 -28.00 -10.69 1.99
N MET B 222 -27.01 -9.96 2.48
CA MET B 222 -26.04 -9.33 1.58
C MET B 222 -24.89 -10.27 1.25
N ILE B 223 -24.56 -11.16 2.18
CA ILE B 223 -23.59 -12.21 1.90
C ILE B 223 -24.12 -13.57 2.31
N SER B 224 -23.46 -14.62 1.85
CA SER B 224 -23.74 -15.98 2.27
C SER B 224 -22.44 -16.63 2.65
N ILE B 225 -22.51 -17.59 3.56
CA ILE B 225 -21.33 -18.32 3.96
C ILE B 225 -21.57 -19.83 3.93
N HIS B 226 -20.70 -20.55 3.23
CA HIS B 226 -20.73 -22.00 3.24
C HIS B 226 -19.32 -22.54 3.40
N LYS B 227 -19.12 -23.36 4.43
CA LYS B 227 -17.81 -23.98 4.64
C LYS B 227 -16.75 -22.91 4.73
N LYS B 228 -17.10 -21.77 5.29
CA LYS B 228 -16.11 -20.71 5.51
C LYS B 228 -15.78 -19.93 4.26
N LYS B 229 -16.46 -20.22 3.17
CA LYS B 229 -16.29 -19.40 1.96
C LYS B 229 -17.45 -18.46 1.87
N ILE B 230 -17.14 -17.20 1.65
CA ILE B 230 -18.15 -16.17 1.62
C ILE B 230 -18.61 -15.88 0.20
N THR B 231 -19.92 -15.77 0.03
CA THR B 231 -20.51 -15.32 -1.23
C THR B 231 -21.11 -13.93 -1.11
N VAL B 232 -20.61 -13.01 -1.93
CA VAL B 232 -21.18 -11.67 -2.00
C VAL B 232 -22.27 -11.59 -3.09
N HIS B 233 -23.47 -11.18 -2.72
CA HIS B 233 -24.62 -11.38 -3.58
C HIS B 233 -24.84 -10.40 -4.70
N LYS B 234 -24.42 -9.16 -4.57
CA LYS B 234 -24.57 -8.25 -5.69
C LYS B 234 -23.44 -7.28 -5.70
N PRO B 235 -22.25 -7.79 -6.04
CA PRO B 235 -21.02 -7.05 -5.81
C PRO B 235 -20.99 -5.75 -6.61
N VAL B 236 -21.51 -5.79 -7.84
CA VAL B 236 -21.47 -4.63 -8.72
C VAL B 236 -22.31 -3.50 -8.12
N THR B 237 -23.41 -3.86 -7.49
CA THR B 237 -24.23 -2.85 -6.84
C THR B 237 -23.50 -2.35 -5.59
N LEU B 238 -23.04 -3.29 -4.77
CA LEU B 238 -22.35 -2.95 -3.52
C LEU B 238 -21.23 -1.94 -3.77
N SER B 239 -20.50 -2.13 -4.86
CA SER B 239 -19.42 -1.19 -5.22
C SER B 239 -19.83 0.27 -5.03
N ARG B 240 -21.06 0.50 -4.57
CA ARG B 240 -21.56 1.86 -4.35
C ARG B 240 -21.18 2.39 -2.96
C1 AKG C . 1.37 5.41 -8.32
O1 AKG C . 2.41 5.58 -8.92
O2 AKG C . 1.40 5.18 -6.95
C2 AKG C . 0.12 6.15 -8.78
O5 AKG C . 0.25 7.24 -9.19
C3 AKG C . -1.28 5.58 -8.68
C4 AKG C . -2.26 6.11 -9.73
C5 AKG C . -1.74 6.18 -11.17
O3 AKG C . -0.46 5.64 -11.44
O4 AKG C . -2.51 6.34 -12.06
C1 AKG D . 6.38 -7.61 -1.27
O1 AKG D . 6.59 -8.19 -2.32
O2 AKG D . 5.13 -7.02 -1.05
C2 AKG D . 7.12 -8.12 0.00
O5 AKG D . 7.24 -9.29 0.17
C3 AKG D . 7.39 -7.22 1.18
C4 AKG D . 8.46 -7.74 2.16
C5 AKG D . 9.67 -8.42 1.54
O3 AKG D . 9.89 -8.14 0.20
O4 AKG D . 10.64 -8.70 2.21
#